data_8XS9
#
_entry.id   8XS9
#
_cell.length_a   67.996
_cell.length_b   98.514
_cell.length_c   79.999
_cell.angle_alpha   90.00
_cell.angle_beta   90.66
_cell.angle_gamma   90.00
#
_symmetry.space_group_name_H-M   'P 1 21 1'
#
loop_
_entity.id
_entity.type
_entity.pdbx_description
1 polymer 'Aryl hydrocarbon receptor nuclear translocator'
2 polymer 'Aryl hydrocarbon receptor'
3 polymer DNAF
4 polymer DNAR
5 non-polymer 2,3-DIHYDROXY-1,4-DITHIOBUTANE
6 non-polymer (3R)-3-phenyl-2,3-dihydrobenzo[f]chromen-1-one
7 water water
#
loop_
_entity_poly.entity_id
_entity_poly.type
_entity_poly.pdbx_seq_one_letter_code
_entity_poly.pdbx_strand_id
1 'polypeptide(L)'
;MDKERLARENHSEIERRRRNKMTAYITELSDMVPTCSALARKPDKLTILRMAVSHMKSLRGTGNTSTDGSYKPSFLTDQE
LKHLILEAADGFLFIVSCETGRVVYVSDSVTPVLNQPQSEWFGSTLYDQVHPDDVDKLREQLSTSENALTGRILDLKTGT
VKKEGQQSSMRMCMGSRRSFICRMRCGSSSVDPVSVNRLSFVRNRCRNGLGSVKDGEPHFVVVHCTGYIKAWPPAGVSLP
DDDPEAGQGSKFCLVAIGRLQVTSSPNCTDMSNVCQPTEFISRHNIEGIFTFVDHRCVATVGYQPQELLGKNIVEFCHPE
DQQLLRDSFQQVVKLKGQVLSVMFRFRSKNQEWLWMRTSSFTFQNPYSDEIEYIICTNTNVK
;
A
2 'polypeptide(L)'
;MIPAEGIKSNPSKRHRDRLNTELDRLASLLPFPQDVINKLDKLSVLRLSVSYLRAKSFFDVSLKSSPADRNGVQDNCRTK
FREGLNLQEGEFLLQALNGFVLVVTTDALVFYASSTIQDYLGFQQSDVIHQSVYELIHTEDRAEFQRQLHWALNPSQCPD
SGQRIDEASGLSQPAAYYNPEQLPPENSFMERCFVCRLRCLLDNSSGFLAMNFQGRLKYLHGQNKKGKDGSILPPQLALF
AIATPLQPPSILEIRTKNFIFRTKHKLDFTPTGCDAKGKIVLGYTEAELCMRGTGYQFIHAADMLYCAEYHVRMIKTGES
GMIVFRLLTKDNRWTWVQSNARLVYKNGRPDYIIATQRPLTDEEGKEHLRKRTLKLPFMFATGEAVLYEHHHHHH
;
B
3 'polydeoxyribonucleotide'
;(DC)(DA)(DT)(DC)(DG)(DG)(DG)(DC)(DA)(DT)(DC)(DG)(DC)(DG)(DT)(DG)(DA)(DC)(DA)(DA)
(DG)
;
C
4 'polydeoxyribonucleotide'
;(DG)(DC)(DT)(DT)(DG)(DT)(DC)(DA)(DC)(DG)(DC)(DG)(DA)(DT)(DG)(DC)(DC)(DC)(DG)(DA)
(DT)
;
D
#
# COMPACT_ATOMS: atom_id res chain seq x y z
N MET A 1 44.97 19.50 19.08
CA MET A 1 45.96 20.10 18.17
C MET A 1 45.56 21.53 17.79
N ASP A 2 46.34 22.15 16.91
N ASP A 2 46.34 22.15 16.91
CA ASP A 2 46.07 23.51 16.49
CA ASP A 2 46.07 23.50 16.47
C ASP A 2 44.77 23.57 15.69
C ASP A 2 44.76 23.55 15.69
N LYS A 3 43.81 24.34 16.18
CA LYS A 3 42.49 24.41 15.55
C LYS A 3 42.58 24.93 14.12
N GLU A 4 43.30 26.03 13.92
CA GLU A 4 43.43 26.61 12.59
C GLU A 4 44.05 25.62 11.62
N ARG A 5 45.07 24.89 12.07
CA ARG A 5 45.76 23.94 11.19
C ARG A 5 44.86 22.77 10.82
N LEU A 6 44.11 22.23 11.78
CA LEU A 6 43.26 21.11 11.43
C LEU A 6 42.08 21.55 10.56
N ALA A 7 41.56 22.76 10.78
CA ALA A 7 40.59 23.30 9.83
C ALA A 7 41.18 23.41 8.44
N ARG A 8 42.43 23.89 8.35
CA ARG A 8 43.10 24.01 7.06
C ARG A 8 43.25 22.65 6.39
N GLU A 9 43.67 21.63 7.14
CA GLU A 9 43.89 20.31 6.55
C GLU A 9 42.58 19.64 6.16
N ASN A 10 41.54 19.79 6.98
CA ASN A 10 40.22 19.28 6.62
C ASN A 10 39.73 19.93 5.33
N HIS A 11 39.94 21.24 5.21
CA HIS A 11 39.49 21.93 4.00
C HIS A 11 40.27 21.47 2.79
N SER A 12 41.59 21.31 2.93
CA SER A 12 42.41 20.80 1.82
C SER A 12 41.96 19.40 1.41
N GLU A 13 41.69 18.54 2.38
CA GLU A 13 41.20 17.20 2.08
C GLU A 13 39.86 17.25 1.37
N ILE A 14 38.95 18.13 1.81
CA ILE A 14 37.64 18.24 1.16
C ILE A 14 37.82 18.67 -0.29
N GLU A 15 38.69 19.65 -0.53
CA GLU A 15 38.93 20.10 -1.91
C GLU A 15 39.56 18.99 -2.75
N ARG A 16 40.47 18.21 -2.16
CA ARG A 16 41.07 17.10 -2.89
C ARG A 16 40.05 16.05 -3.26
N ARG A 17 39.14 15.73 -2.33
CA ARG A 17 38.08 14.77 -2.63
C ARG A 17 37.14 15.32 -3.70
N ARG A 18 36.89 16.63 -3.68
CA ARG A 18 36.08 17.24 -4.74
C ARG A 18 36.75 17.08 -6.10
N ARG A 19 38.06 17.36 -6.17
CA ARG A 19 38.79 17.18 -7.42
C ARG A 19 38.73 15.73 -7.90
N ASN A 20 38.90 14.79 -6.97
CA ASN A 20 38.87 13.37 -7.35
C ASN A 20 37.49 12.98 -7.86
N LYS A 21 36.43 13.47 -7.22
CA LYS A 21 35.08 13.23 -7.71
C LYS A 21 34.88 13.79 -9.11
N MET A 22 35.39 15.00 -9.35
CA MET A 22 35.26 15.61 -10.67
C MET A 22 35.96 14.77 -11.74
N THR A 23 37.19 14.34 -11.47
CA THR A 23 37.90 13.52 -12.46
C THR A 23 37.25 12.16 -12.64
N ALA A 24 36.68 11.59 -11.58
CA ALA A 24 35.97 10.32 -11.73
C ALA A 24 34.73 10.47 -12.60
N TYR A 25 34.01 11.59 -12.44
CA TYR A 25 32.87 11.85 -13.32
C TYR A 25 33.32 12.07 -14.76
N ILE A 26 34.47 12.72 -14.95
CA ILE A 26 35.02 12.87 -16.30
C ILE A 26 35.32 11.51 -16.91
N THR A 27 35.89 10.60 -16.12
CA THR A 27 36.19 9.27 -16.63
C THR A 27 34.90 8.51 -16.96
N GLU A 28 33.87 8.65 -16.13
CA GLU A 28 32.58 8.04 -16.45
C GLU A 28 32.02 8.59 -17.76
N LEU A 29 32.13 9.90 -17.96
CA LEU A 29 31.67 10.50 -19.22
C LEU A 29 32.44 9.92 -20.40
N SER A 30 33.76 9.76 -20.26
CA SER A 30 34.55 9.15 -21.32
C SER A 30 34.10 7.72 -21.60
N ASP A 31 33.70 7.00 -20.54
CA ASP A 31 33.17 5.65 -20.73
C ASP A 31 31.79 5.63 -21.37
N MET A 32 31.05 6.73 -21.27
CA MET A 32 29.65 6.73 -21.67
C MET A 32 29.39 7.27 -23.08
N VAL A 33 30.29 8.10 -23.54
CA VAL A 33 30.08 8.71 -24.86
C VAL A 33 30.71 7.84 -25.93
N PRO A 34 30.15 7.92 -27.15
CA PRO A 34 30.54 7.14 -28.29
C PRO A 34 31.98 6.75 -28.54
N THR A 35 32.73 7.65 -29.14
CA THR A 35 34.08 7.21 -29.55
C THR A 35 35.15 7.62 -28.57
N CYS A 36 34.80 8.05 -27.36
CA CYS A 36 35.86 8.32 -26.39
C CYS A 36 36.53 7.03 -25.96
N SER A 37 35.73 5.97 -25.76
CA SER A 37 36.21 4.67 -25.29
C SER A 37 36.61 3.73 -26.43
N ALA A 38 36.89 4.26 -27.61
CA ALA A 38 37.33 3.43 -28.72
C ALA A 38 38.81 3.66 -28.97
N LYS A 42 44.25 7.98 -25.21
CA LYS A 42 42.96 8.39 -24.66
C LYS A 42 42.94 9.91 -24.44
N PRO A 43 41.77 10.54 -24.56
CA PRO A 43 41.74 12.01 -24.61
C PRO A 43 41.88 12.66 -23.24
N ASP A 44 41.94 13.99 -23.27
CA ASP A 44 42.05 14.81 -22.06
C ASP A 44 40.67 15.23 -21.59
N LYS A 45 40.61 16.08 -20.56
CA LYS A 45 39.33 16.44 -19.95
C LYS A 45 38.47 17.27 -20.89
N LEU A 46 39.07 18.25 -21.57
CA LEU A 46 38.28 19.17 -22.39
C LEU A 46 37.62 18.44 -23.56
N THR A 47 38.35 17.53 -24.22
CA THR A 47 37.77 16.81 -25.35
C THR A 47 36.67 15.87 -24.88
N ILE A 48 36.85 15.20 -23.73
CA ILE A 48 35.80 14.38 -23.17
C ILE A 48 34.56 15.21 -22.89
N LEU A 49 34.75 16.41 -22.33
CA LEU A 49 33.61 17.27 -22.03
C LEU A 49 32.91 17.74 -23.30
N ARG A 50 33.66 18.09 -24.34
CA ARG A 50 33.04 18.52 -25.59
C ARG A 50 32.27 17.38 -26.25
N MET A 51 32.84 16.17 -26.25
CA MET A 51 32.15 15.03 -26.83
C MET A 51 30.90 14.67 -26.03
N ALA A 52 30.96 14.82 -24.70
CA ALA A 52 29.76 14.60 -23.90
C ALA A 52 28.70 15.65 -24.20
N VAL A 53 29.11 16.90 -24.39
CA VAL A 53 28.16 17.96 -24.74
C VAL A 53 27.47 17.60 -26.06
N SER A 54 28.25 17.17 -27.05
CA SER A 54 27.67 16.83 -28.35
C SER A 54 26.74 15.62 -28.24
N HIS A 55 27.12 14.61 -27.45
CA HIS A 55 26.28 13.43 -27.30
C HIS A 55 24.97 13.77 -26.60
N MET A 56 25.03 14.62 -25.58
CA MET A 56 23.79 15.02 -24.89
C MET A 56 22.93 15.89 -25.80
N LYS A 57 23.55 16.76 -26.59
CA LYS A 57 22.81 17.51 -27.61
C LYS A 57 22.08 16.56 -28.55
N SER A 58 22.76 15.48 -28.95
CA SER A 58 22.12 14.46 -29.78
C SER A 58 20.95 13.81 -29.06
N LEU A 59 21.12 13.51 -27.77
CA LEU A 59 20.14 12.70 -27.07
C LEU A 59 18.87 13.48 -26.74
N ARG A 60 19.02 14.72 -26.28
CA ARG A 60 17.88 15.52 -25.86
C ARG A 60 16.98 15.87 -27.04
N PRO A 73 10.32 19.92 -18.00
CA PRO A 73 11.03 18.73 -18.51
C PRO A 73 11.21 17.67 -17.43
N SER A 74 11.41 16.42 -17.85
CA SER A 74 11.59 15.30 -16.94
C SER A 74 12.89 14.57 -17.26
N PHE A 75 13.49 14.00 -16.22
CA PHE A 75 14.73 13.24 -16.41
C PHE A 75 14.51 12.08 -17.37
N LEU A 76 13.36 11.41 -17.26
CA LEU A 76 13.00 10.32 -18.15
C LEU A 76 11.78 10.70 -18.97
N THR A 77 11.69 10.14 -20.18
CA THR A 77 10.48 10.25 -20.96
C THR A 77 9.36 9.44 -20.30
N ASP A 78 8.13 9.70 -20.73
CA ASP A 78 6.99 9.00 -20.15
C ASP A 78 7.13 7.49 -20.35
N GLN A 79 7.57 7.07 -21.55
CA GLN A 79 7.73 5.65 -21.80
C GLN A 79 8.85 5.04 -20.96
N GLU A 80 9.92 5.79 -20.70
CA GLU A 80 11.00 5.27 -19.86
C GLU A 80 10.53 5.08 -18.42
N LEU A 81 9.78 6.05 -17.89
CA LEU A 81 9.21 5.90 -16.55
C LEU A 81 8.27 4.71 -16.49
N LYS A 82 7.39 4.57 -17.49
CA LYS A 82 6.50 3.42 -17.54
C LYS A 82 7.29 2.11 -17.57
N HIS A 83 8.36 2.08 -18.38
CA HIS A 83 9.19 0.89 -18.47
C HIS A 83 9.79 0.54 -17.13
N LEU A 84 10.31 1.54 -16.40
CA LEU A 84 10.91 1.28 -15.10
C LEU A 84 9.88 0.74 -14.12
N ILE A 85 8.70 1.36 -14.08
CA ILE A 85 7.67 0.91 -13.14
C ILE A 85 7.23 -0.52 -13.45
N LEU A 86 7.00 -0.81 -14.73
CA LEU A 86 6.53 -2.13 -15.11
C LEU A 86 7.61 -3.20 -14.91
N GLU A 87 8.86 -2.86 -15.19
CA GLU A 87 9.97 -3.77 -14.92
C GLU A 87 10.11 -4.01 -13.42
N ALA A 88 9.79 -3.01 -12.60
CA ALA A 88 9.90 -3.18 -11.15
C ALA A 88 8.82 -4.11 -10.63
N ALA A 89 7.55 -3.84 -10.93
CA ALA A 89 6.50 -4.60 -10.26
C ALA A 89 5.29 -4.89 -11.14
N ASP A 90 5.48 -5.00 -12.45
CA ASP A 90 4.42 -5.42 -13.38
C ASP A 90 3.23 -4.46 -13.23
N GLY A 91 2.02 -4.97 -13.44
CA GLY A 91 0.80 -4.19 -13.28
C GLY A 91 0.33 -3.58 -14.59
N PHE A 92 -0.95 -3.20 -14.60
CA PHE A 92 -1.53 -2.49 -15.72
C PHE A 92 -2.36 -1.33 -15.19
N LEU A 93 -2.32 -0.20 -15.91
CA LEU A 93 -3.01 1.00 -15.49
C LEU A 93 -4.42 1.02 -16.07
N PHE A 94 -5.38 1.37 -15.23
CA PHE A 94 -6.74 1.60 -15.69
C PHE A 94 -7.31 2.84 -15.03
N ILE A 95 -8.00 3.65 -15.83
CA ILE A 95 -8.66 4.86 -15.38
C ILE A 95 -10.15 4.65 -15.66
N VAL A 96 -10.94 4.56 -14.59
CA VAL A 96 -12.38 4.38 -14.69
C VAL A 96 -13.07 5.58 -14.06
N SER A 97 -14.33 5.78 -14.41
CA SER A 97 -15.15 6.80 -13.78
C SER A 97 -15.77 6.25 -12.50
N CYS A 98 -15.84 7.10 -11.47
CA CYS A 98 -16.43 6.69 -10.20
C CYS A 98 -17.95 6.67 -10.24
N GLU A 99 -18.56 7.34 -11.21
CA GLU A 99 -20.02 7.35 -11.33
C GLU A 99 -20.55 5.97 -11.68
N THR A 100 -20.22 5.49 -12.88
CA THR A 100 -20.75 4.25 -13.39
C THR A 100 -19.69 3.16 -13.55
N GLY A 101 -18.44 3.43 -13.20
CA GLY A 101 -17.38 2.47 -13.45
C GLY A 101 -16.90 2.44 -14.88
N ARG A 102 -17.30 3.40 -15.71
CA ARG A 102 -16.97 3.37 -17.13
C ARG A 102 -15.46 3.43 -17.34
N VAL A 103 -14.95 2.47 -18.11
CA VAL A 103 -13.51 2.39 -18.37
C VAL A 103 -13.14 3.49 -19.35
N VAL A 104 -12.49 4.54 -18.84
CA VAL A 104 -12.06 5.63 -19.70
C VAL A 104 -10.75 5.29 -20.38
N TYR A 105 -9.84 4.62 -19.67
CA TYR A 105 -8.56 4.26 -20.26
C TYR A 105 -8.07 2.95 -19.66
N VAL A 106 -7.35 2.19 -20.48
CA VAL A 106 -6.66 0.98 -20.03
C VAL A 106 -5.43 0.80 -20.89
N SER A 107 -4.30 0.51 -20.25
CA SER A 107 -3.03 0.39 -20.97
C SER A 107 -2.93 -0.98 -21.65
N ASP A 108 -1.92 -1.11 -22.52
CA ASP A 108 -1.67 -2.38 -23.19
C ASP A 108 -1.18 -3.44 -22.21
N SER A 109 -0.61 -3.04 -21.07
CA SER A 109 -0.16 -4.00 -20.07
C SER A 109 -1.28 -4.89 -19.54
N VAL A 110 -2.54 -4.57 -19.86
CA VAL A 110 -3.63 -5.45 -19.47
C VAL A 110 -3.54 -6.80 -20.19
N THR A 111 -2.85 -6.85 -21.33
CA THR A 111 -2.74 -8.10 -22.06
C THR A 111 -1.74 -9.06 -21.39
N PRO A 112 -0.53 -8.62 -21.00
CA PRO A 112 0.35 -9.54 -20.26
C PRO A 112 -0.06 -9.78 -18.82
N VAL A 113 -1.08 -9.09 -18.31
CA VAL A 113 -1.52 -9.25 -16.93
C VAL A 113 -2.78 -10.09 -16.83
N LEU A 114 -3.83 -9.73 -17.57
CA LEU A 114 -5.11 -10.42 -17.48
C LEU A 114 -5.42 -11.28 -18.69
N ASN A 115 -4.51 -11.37 -19.66
CA ASN A 115 -4.74 -12.14 -20.88
C ASN A 115 -6.04 -11.69 -21.58
N GLN A 116 -6.19 -10.37 -21.69
CA GLN A 116 -7.35 -9.75 -22.32
C GLN A 116 -6.87 -8.63 -23.23
N PRO A 117 -7.50 -8.45 -24.38
CA PRO A 117 -7.14 -7.31 -25.23
C PRO A 117 -7.64 -6.00 -24.65
N GLN A 118 -7.07 -4.90 -25.15
CA GLN A 118 -7.52 -3.58 -24.70
C GLN A 118 -8.97 -3.34 -25.06
N SER A 119 -9.47 -3.99 -26.11
CA SER A 119 -10.84 -3.76 -26.56
C SER A 119 -11.86 -4.27 -25.54
N GLU A 120 -11.57 -5.38 -24.89
CA GLU A 120 -12.52 -5.95 -23.94
C GLU A 120 -12.79 -5.00 -22.77
N TRP A 121 -11.83 -4.15 -22.43
CA TRP A 121 -12.00 -3.19 -21.35
C TRP A 121 -12.56 -1.86 -21.83
N PHE A 122 -12.16 -1.41 -23.02
CA PHE A 122 -12.70 -0.17 -23.56
C PHE A 122 -14.18 -0.34 -23.88
N GLY A 123 -14.96 0.69 -23.61
CA GLY A 123 -16.40 0.60 -23.71
C GLY A 123 -17.06 -0.29 -22.68
N SER A 124 -16.31 -0.82 -21.72
CA SER A 124 -16.82 -1.64 -20.64
C SER A 124 -16.96 -0.80 -19.38
N THR A 125 -17.27 -1.46 -18.27
CA THR A 125 -17.21 -0.85 -16.95
C THR A 125 -16.45 -1.79 -16.02
N LEU A 126 -15.88 -1.21 -14.96
CA LEU A 126 -15.06 -1.99 -14.04
C LEU A 126 -15.86 -3.10 -13.37
N TYR A 127 -17.15 -2.88 -13.11
CA TYR A 127 -17.98 -3.93 -12.54
C TYR A 127 -18.17 -5.09 -13.51
N ASP A 128 -18.14 -4.81 -14.82
CA ASP A 128 -18.30 -5.86 -15.82
C ASP A 128 -17.06 -6.74 -15.94
N GLN A 129 -15.92 -6.31 -15.40
CA GLN A 129 -14.66 -7.03 -15.59
C GLN A 129 -14.23 -7.83 -14.36
N VAL A 130 -14.92 -7.69 -13.23
CA VAL A 130 -14.55 -8.40 -12.02
C VAL A 130 -15.70 -9.29 -11.58
N HIS A 131 -15.43 -10.10 -10.55
CA HIS A 131 -16.40 -11.08 -10.09
C HIS A 131 -17.64 -10.39 -9.52
N PRO A 132 -18.84 -10.97 -9.71
CA PRO A 132 -20.04 -10.32 -9.18
C PRO A 132 -20.02 -10.14 -7.67
N ASP A 133 -19.49 -11.12 -6.93
CA ASP A 133 -19.44 -11.01 -5.48
C ASP A 133 -18.62 -9.80 -5.02
N ASP A 134 -17.76 -9.27 -5.88
CA ASP A 134 -16.96 -8.10 -5.54
C ASP A 134 -17.60 -6.79 -5.99
N VAL A 135 -18.64 -6.84 -6.82
CA VAL A 135 -19.24 -5.63 -7.37
C VAL A 135 -19.59 -4.65 -6.26
N ASP A 136 -20.36 -5.12 -5.27
CA ASP A 136 -20.69 -4.28 -4.11
C ASP A 136 -19.44 -3.61 -3.54
N LYS A 137 -18.40 -4.41 -3.26
CA LYS A 137 -17.16 -3.87 -2.71
C LYS A 137 -16.63 -2.74 -3.58
N LEU A 138 -16.62 -2.95 -4.90
CA LEU A 138 -16.09 -1.93 -5.79
C LEU A 138 -16.88 -0.63 -5.67
N ARG A 139 -18.20 -0.74 -5.48
CA ARG A 139 -19.00 0.46 -5.26
C ARG A 139 -18.49 1.22 -4.03
N GLU A 140 -18.23 0.50 -2.94
CA GLU A 140 -17.67 1.13 -1.76
C GLU A 140 -16.36 1.84 -2.06
N GLN A 141 -15.57 1.29 -2.99
CA GLN A 141 -14.30 1.91 -3.33
C GLN A 141 -14.43 3.03 -4.35
N LEU A 142 -15.59 3.17 -5.00
CA LEU A 142 -15.76 4.18 -6.03
C LEU A 142 -16.64 5.34 -5.61
N SER A 143 -17.39 5.21 -4.51
CA SER A 143 -18.23 6.31 -4.06
C SER A 143 -17.39 7.45 -3.52
N THR A 144 -17.78 8.68 -3.85
CA THR A 144 -17.07 9.89 -3.44
C THR A 144 -15.60 9.86 -3.85
N SER A 176 -8.77 10.34 -1.45
CA SER A 176 -7.61 10.34 -2.33
C SER A 176 -7.16 8.92 -2.65
N ARG A 177 -6.25 8.38 -1.84
CA ARG A 177 -5.69 7.07 -2.13
C ARG A 177 -6.73 5.97 -1.91
N ARG A 178 -6.60 4.91 -2.70
CA ARG A 178 -7.46 3.73 -2.63
C ARG A 178 -6.60 2.49 -2.84
N SER A 179 -6.90 1.43 -2.09
CA SER A 179 -6.18 0.17 -2.21
C SER A 179 -7.13 -0.96 -1.87
N PHE A 180 -7.31 -1.90 -2.80
CA PHE A 180 -8.25 -2.98 -2.59
C PHE A 180 -7.79 -4.21 -3.36
N ILE A 181 -8.57 -5.28 -3.25
CA ILE A 181 -8.28 -6.56 -3.87
C ILE A 181 -9.59 -7.09 -4.46
N CYS A 182 -9.55 -7.51 -5.72
CA CYS A 182 -10.75 -8.01 -6.39
C CYS A 182 -10.38 -9.23 -7.22
N ARG A 183 -11.32 -9.71 -8.02
CA ARG A 183 -11.12 -10.88 -8.87
C ARG A 183 -11.54 -10.49 -10.28
N MET A 184 -10.57 -10.37 -11.19
CA MET A 184 -10.82 -9.91 -12.54
C MET A 184 -10.84 -11.08 -13.52
N ARG A 185 -11.55 -10.89 -14.63
CA ARG A 185 -11.72 -11.92 -15.64
C ARG A 185 -10.51 -11.98 -16.58
N CYS A 186 -10.50 -13.03 -17.41
CA CYS A 186 -9.46 -13.23 -18.42
C CYS A 186 -10.04 -13.74 -19.73
N GLU A 217 -15.09 -21.83 -20.03
CA GLU A 217 -15.60 -21.24 -18.80
C GLU A 217 -14.74 -20.06 -18.37
N PRO A 218 -15.37 -19.05 -17.76
CA PRO A 218 -14.60 -17.89 -17.30
C PRO A 218 -13.65 -18.25 -16.17
N HIS A 219 -12.50 -17.59 -16.16
CA HIS A 219 -11.47 -17.79 -15.15
C HIS A 219 -11.11 -16.45 -14.53
N PHE A 220 -11.02 -16.41 -13.20
CA PHE A 220 -10.77 -15.19 -12.46
C PHE A 220 -9.38 -15.22 -11.83
N VAL A 221 -8.86 -14.02 -11.58
CA VAL A 221 -7.56 -13.84 -10.96
C VAL A 221 -7.69 -12.83 -9.82
N VAL A 222 -7.07 -13.14 -8.69
CA VAL A 222 -6.96 -12.18 -7.60
C VAL A 222 -6.03 -11.06 -8.05
N VAL A 223 -6.53 -9.83 -8.06
CA VAL A 223 -5.81 -8.66 -8.53
C VAL A 223 -5.79 -7.61 -7.42
N HIS A 224 -4.60 -7.12 -7.09
N HIS A 224 -4.60 -7.12 -7.09
CA HIS A 224 -4.43 -6.05 -6.12
CA HIS A 224 -4.43 -6.05 -6.12
C HIS A 224 -4.41 -4.72 -6.86
C HIS A 224 -4.41 -4.72 -6.86
N CYS A 225 -5.26 -3.78 -6.44
CA CYS A 225 -5.32 -2.46 -7.08
C CYS A 225 -4.95 -1.35 -6.13
N THR A 226 -4.01 -0.52 -6.56
CA THR A 226 -3.61 0.67 -5.80
C THR A 226 -3.83 1.87 -6.73
N GLY A 227 -4.52 2.88 -6.31
CA GLY A 227 -4.75 4.05 -7.11
C GLY A 227 -5.21 5.25 -6.33
N TYR A 228 -5.75 6.24 -7.05
CA TYR A 228 -6.18 7.49 -6.43
C TYR A 228 -7.34 8.08 -7.20
N ILE A 229 -8.06 8.98 -6.53
CA ILE A 229 -9.19 9.70 -7.12
C ILE A 229 -8.68 11.01 -7.70
N LYS A 230 -8.98 11.26 -8.98
CA LYS A 230 -8.48 12.42 -9.68
C LYS A 230 -9.65 13.18 -10.30
N ALA A 231 -9.58 14.51 -10.24
CA ALA A 231 -10.60 15.34 -10.87
C ALA A 231 -10.51 15.21 -12.38
N TRP A 232 -11.65 15.02 -13.03
CA TRP A 232 -11.76 14.84 -14.47
C TRP A 232 -12.40 16.06 -15.11
N PRO A 233 -11.96 16.46 -16.32
CA PRO A 233 -10.91 15.87 -17.16
C PRO A 233 -9.50 16.21 -16.67
N PRO A 234 -8.49 15.44 -17.09
CA PRO A 234 -7.12 15.72 -16.68
C PRO A 234 -6.55 16.93 -17.40
N ALA A 235 -5.63 17.61 -16.72
CA ALA A 235 -4.97 18.77 -17.31
C ALA A 235 -4.01 18.34 -18.41
N GLY A 236 -3.82 19.23 -19.39
CA GLY A 236 -2.90 19.00 -20.48
C GLY A 236 -3.46 18.18 -21.64
N VAL A 237 -4.35 17.23 -21.35
CA VAL A 237 -4.92 16.37 -22.38
C VAL A 237 -6.07 17.10 -23.07
N SER A 238 -6.04 17.14 -24.40
CA SER A 238 -7.09 17.80 -25.16
C SER A 238 -8.27 16.87 -25.36
N LEU A 239 -9.47 17.39 -25.11
CA LEU A 239 -10.71 16.64 -25.29
C LEU A 239 -11.49 17.23 -26.47
N PRO A 240 -11.35 16.68 -27.67
CA PRO A 240 -12.02 17.26 -28.84
C PRO A 240 -13.55 17.14 -28.72
N ASP A 241 -14.23 17.82 -29.66
CA ASP A 241 -15.68 17.86 -29.63
C ASP A 241 -16.31 16.57 -30.16
N ASP A 242 -15.68 15.93 -31.15
CA ASP A 242 -16.19 14.70 -31.73
C ASP A 242 -15.66 13.45 -31.02
N ASP A 243 -15.07 13.60 -29.84
CA ASP A 243 -14.52 12.46 -29.11
C ASP A 243 -15.61 11.80 -28.27
N PRO A 244 -15.56 10.47 -28.11
CA PRO A 244 -16.58 9.80 -27.28
C PRO A 244 -16.64 10.31 -25.85
N GLU A 245 -15.51 10.78 -25.30
CA GLU A 245 -15.49 11.28 -23.94
C GLU A 245 -16.16 12.64 -23.79
N ALA A 246 -16.45 13.32 -24.90
CA ALA A 246 -16.91 14.70 -24.84
C ALA A 246 -18.26 14.84 -24.15
N GLY A 247 -19.08 13.80 -24.13
CA GLY A 247 -20.42 13.92 -23.57
C GLY A 247 -20.63 13.24 -22.24
N GLN A 248 -19.60 12.54 -21.76
CA GLN A 248 -19.74 11.78 -20.52
C GLN A 248 -19.90 12.70 -19.31
N GLY A 249 -19.05 13.72 -19.20
CA GLY A 249 -19.17 14.66 -18.11
C GLY A 249 -18.85 14.11 -16.74
N SER A 250 -17.91 13.17 -16.64
CA SER A 250 -17.53 12.64 -15.34
C SER A 250 -16.69 13.66 -14.58
N LYS A 251 -16.94 13.76 -13.27
CA LYS A 251 -16.25 14.70 -12.41
C LYS A 251 -15.03 14.11 -11.71
N PHE A 252 -15.10 12.84 -11.32
CA PHE A 252 -13.98 12.18 -10.66
C PHE A 252 -13.70 10.85 -11.35
N CYS A 253 -12.45 10.40 -11.24
CA CYS A 253 -12.05 9.14 -11.88
C CYS A 253 -11.02 8.44 -10.99
N LEU A 254 -11.16 7.13 -10.89
CA LEU A 254 -10.16 6.31 -10.21
C LEU A 254 -9.07 5.96 -11.22
N VAL A 255 -7.84 6.39 -10.93
CA VAL A 255 -6.65 6.04 -11.70
C VAL A 255 -5.86 5.06 -10.86
N ALA A 256 -5.72 3.82 -11.35
CA ALA A 256 -5.13 2.78 -10.51
C ALA A 256 -4.27 1.84 -11.33
N ILE A 257 -3.44 1.08 -10.61
CA ILE A 257 -2.65 -0.02 -11.15
C ILE A 257 -3.17 -1.31 -10.56
N GLY A 258 -3.36 -2.31 -11.41
CA GLY A 258 -3.75 -3.65 -10.98
C GLY A 258 -2.63 -4.64 -11.24
N ARG A 259 -2.30 -5.42 -10.21
CA ARG A 259 -1.19 -6.36 -10.25
C ARG A 259 -1.68 -7.75 -9.86
N LEU A 260 -1.12 -8.77 -10.52
CA LEU A 260 -1.41 -10.15 -10.13
C LEU A 260 -0.71 -10.48 -8.82
N GLN A 261 -1.36 -11.31 -8.01
CA GLN A 261 -0.80 -11.75 -6.73
C GLN A 261 -1.64 -12.88 -6.14
N PRO A 277 2.80 -26.28 15.37
CA PRO A 277 1.59 -26.81 16.00
C PRO A 277 0.95 -25.84 16.99
N THR A 278 0.23 -24.85 16.47
CA THR A 278 -0.43 -23.85 17.30
C THR A 278 -1.94 -23.89 17.00
N GLU A 279 -2.66 -22.86 17.47
CA GLU A 279 -4.10 -22.79 17.33
C GLU A 279 -4.51 -21.34 17.11
N PHE A 280 -5.75 -21.17 16.66
CA PHE A 280 -6.31 -19.83 16.49
C PHE A 280 -7.81 -19.88 16.77
N ILE A 281 -8.34 -18.77 17.27
CA ILE A 281 -9.76 -18.68 17.59
C ILE A 281 -10.50 -18.05 16.43
N SER A 282 -11.82 -18.17 16.45
CA SER A 282 -12.66 -17.65 15.38
C SER A 282 -14.09 -17.54 15.89
N ARG A 283 -14.86 -16.68 15.22
CA ARG A 283 -16.28 -16.51 15.51
C ARG A 283 -17.05 -16.69 14.21
N HIS A 284 -18.08 -17.53 14.26
CA HIS A 284 -18.91 -17.84 13.11
C HIS A 284 -20.37 -17.53 13.40
N ASN A 285 -21.16 -17.38 12.35
CA ASN A 285 -22.60 -17.42 12.53
C ASN A 285 -23.06 -18.87 12.61
N ILE A 286 -24.34 -19.07 12.92
CA ILE A 286 -24.86 -20.41 13.12
C ILE A 286 -24.83 -21.26 11.86
N GLU A 287 -24.52 -20.66 10.71
CA GLU A 287 -24.40 -21.41 9.46
C GLU A 287 -22.95 -21.80 9.14
N GLY A 288 -21.98 -21.19 9.82
CA GLY A 288 -20.58 -21.54 9.65
C GLY A 288 -19.71 -20.52 8.95
N ILE A 289 -20.20 -19.31 8.74
CA ILE A 289 -19.44 -18.29 8.02
C ILE A 289 -18.44 -17.65 8.98
N PHE A 290 -17.17 -17.64 8.61
CA PHE A 290 -16.14 -16.94 9.36
C PHE A 290 -16.45 -15.45 9.46
N THR A 291 -16.84 -14.99 10.66
CA THR A 291 -17.06 -13.57 10.90
C THR A 291 -15.95 -12.91 11.72
N PHE A 292 -15.15 -13.70 12.45
CA PHE A 292 -13.95 -13.20 13.10
C PHE A 292 -12.88 -14.28 13.00
N VAL A 293 -11.65 -13.88 12.65
CA VAL A 293 -10.54 -14.81 12.47
C VAL A 293 -9.33 -14.29 13.22
N ASP A 294 -8.77 -15.11 14.11
CA ASP A 294 -7.54 -14.78 14.79
C ASP A 294 -6.39 -14.64 13.80
N HIS A 295 -5.45 -13.76 14.12
CA HIS A 295 -4.31 -13.55 13.24
C HIS A 295 -3.37 -14.74 13.20
N ARG A 296 -3.43 -15.63 14.20
CA ARG A 296 -2.58 -16.82 14.20
C ARG A 296 -3.00 -17.83 13.14
N CYS A 297 -4.09 -17.57 12.41
CA CYS A 297 -4.50 -18.43 11.31
C CYS A 297 -3.33 -18.68 10.35
N VAL A 298 -2.55 -17.64 10.09
CA VAL A 298 -1.42 -17.76 9.18
C VAL A 298 -0.46 -18.84 9.65
N ALA A 299 -0.21 -18.91 10.96
CA ALA A 299 0.72 -19.90 11.48
C ALA A 299 0.10 -21.28 11.61
N THR A 300 -1.21 -21.40 11.44
CA THR A 300 -1.91 -22.66 11.67
C THR A 300 -2.41 -23.31 10.40
N VAL A 301 -3.06 -22.54 9.52
CA VAL A 301 -3.60 -23.05 8.27
C VAL A 301 -2.98 -22.38 7.05
N GLY A 302 -2.10 -21.40 7.25
CA GLY A 302 -1.43 -20.75 6.15
C GLY A 302 -2.23 -19.67 5.45
N TYR A 303 -3.46 -19.42 5.87
CA TYR A 303 -4.29 -18.39 5.25
C TYR A 303 -4.14 -17.07 6.00
N GLN A 304 -4.31 -15.98 5.27
CA GLN A 304 -4.48 -14.68 5.89
C GLN A 304 -5.91 -14.54 6.40
N PRO A 305 -6.15 -13.70 7.41
CA PRO A 305 -7.52 -13.55 7.91
C PRO A 305 -8.53 -13.19 6.83
N GLN A 306 -8.15 -12.31 5.90
CA GLN A 306 -9.07 -11.91 4.83
C GLN A 306 -9.44 -13.08 3.93
N GLU A 307 -8.59 -14.11 3.83
CA GLU A 307 -8.88 -15.25 2.99
C GLU A 307 -9.93 -16.17 3.60
N LEU A 308 -10.19 -16.06 4.90
CA LEU A 308 -11.18 -16.89 5.57
C LEU A 308 -12.48 -16.17 5.86
N LEU A 309 -12.42 -14.88 6.21
CA LEU A 309 -13.62 -14.15 6.58
C LEU A 309 -14.60 -14.07 5.43
N GLY A 310 -15.87 -14.37 5.71
CA GLY A 310 -16.90 -14.43 4.70
C GLY A 310 -17.15 -15.81 4.13
N LYS A 311 -16.15 -16.68 4.16
CA LYS A 311 -16.29 -18.04 3.66
C LYS A 311 -16.78 -18.97 4.78
N ASN A 312 -17.49 -20.01 4.39
CA ASN A 312 -17.93 -21.03 5.33
C ASN A 312 -16.76 -21.95 5.67
N ILE A 313 -16.69 -22.36 6.94
CA ILE A 313 -15.60 -23.24 7.35
C ILE A 313 -15.69 -24.59 6.66
N VAL A 314 -16.91 -25.02 6.31
CA VAL A 314 -17.09 -26.32 5.67
C VAL A 314 -16.43 -26.34 4.29
N GLU A 315 -16.30 -25.17 3.66
CA GLU A 315 -15.59 -25.09 2.38
C GLU A 315 -14.13 -25.54 2.49
N PHE A 316 -13.54 -25.45 3.68
CA PHE A 316 -12.16 -25.83 3.89
C PHE A 316 -12.01 -27.23 4.47
N CYS A 317 -13.12 -27.94 4.69
CA CYS A 317 -13.10 -29.24 5.35
C CYS A 317 -13.23 -30.37 4.34
N HIS A 318 -12.61 -31.49 4.68
CA HIS A 318 -12.62 -32.67 3.80
C HIS A 318 -14.06 -33.15 3.59
N PRO A 319 -14.40 -33.61 2.38
CA PRO A 319 -15.79 -34.01 2.13
C PRO A 319 -16.29 -35.11 3.06
N GLU A 320 -15.43 -36.06 3.42
CA GLU A 320 -15.85 -37.12 4.34
C GLU A 320 -16.05 -36.63 5.76
N ASP A 321 -15.60 -35.42 6.09
CA ASP A 321 -15.82 -34.83 7.40
C ASP A 321 -16.77 -33.64 7.36
N GLN A 322 -17.22 -33.25 6.17
CA GLN A 322 -18.05 -32.05 6.04
C GLN A 322 -19.36 -32.21 6.78
N GLN A 323 -20.03 -33.34 6.62
CA GLN A 323 -21.32 -33.54 7.29
C GLN A 323 -21.15 -33.67 8.80
N LEU A 324 -20.05 -34.27 9.26
CA LEU A 324 -19.79 -34.33 10.69
C LEU A 324 -19.58 -32.94 11.27
N LEU A 325 -18.81 -32.10 10.58
CA LEU A 325 -18.61 -30.73 11.04
C LEU A 325 -19.92 -29.94 11.02
N ARG A 326 -20.74 -30.15 9.99
CA ARG A 326 -22.03 -29.46 9.92
C ARG A 326 -22.95 -29.90 11.05
N ASP A 327 -22.94 -31.19 11.38
CA ASP A 327 -23.76 -31.68 12.49
C ASP A 327 -23.26 -31.13 13.82
N SER A 328 -21.94 -30.99 13.97
CA SER A 328 -21.41 -30.37 15.19
C SER A 328 -21.86 -28.92 15.31
N PHE A 329 -21.81 -28.17 14.21
CA PHE A 329 -22.30 -26.79 14.24
C PHE A 329 -23.80 -26.73 14.48
N GLN A 330 -24.54 -27.73 14.01
CA GLN A 330 -25.99 -27.76 14.24
C GLN A 330 -26.31 -28.04 15.69
N GLN A 331 -25.55 -28.94 16.32
CA GLN A 331 -25.85 -29.36 17.69
C GLN A 331 -25.30 -28.37 18.71
N VAL A 332 -24.20 -27.67 18.40
CA VAL A 332 -23.68 -26.70 19.35
C VAL A 332 -24.68 -25.57 19.55
N VAL A 333 -25.53 -25.31 18.55
CA VAL A 333 -26.55 -24.28 18.69
C VAL A 333 -27.66 -24.75 19.63
N LYS A 334 -28.01 -26.05 19.56
CA LYS A 334 -29.11 -26.57 20.36
C LYS A 334 -28.73 -26.71 21.83
N LEU A 335 -27.45 -26.91 22.12
CA LEU A 335 -26.95 -27.07 23.49
C LEU A 335 -26.12 -25.84 23.83
N LYS A 336 -26.81 -24.74 24.12
CA LYS A 336 -26.14 -23.47 24.36
C LYS A 336 -25.28 -23.52 25.62
N GLY A 337 -24.11 -22.90 25.55
CA GLY A 337 -23.15 -22.95 26.62
C GLY A 337 -22.27 -24.19 26.65
N GLN A 338 -22.75 -25.31 26.13
CA GLN A 338 -21.97 -26.54 26.14
C GLN A 338 -20.85 -26.48 25.11
N VAL A 339 -19.76 -27.18 25.41
CA VAL A 339 -18.57 -27.22 24.55
C VAL A 339 -18.59 -28.51 23.74
N LEU A 340 -18.41 -28.39 22.43
CA LEU A 340 -18.40 -29.52 21.53
C LEU A 340 -17.09 -29.52 20.74
N SER A 341 -16.38 -30.63 20.78
CA SER A 341 -15.11 -30.78 20.06
C SER A 341 -15.32 -31.68 18.85
N VAL A 342 -14.66 -31.33 17.75
CA VAL A 342 -14.80 -32.07 16.50
C VAL A 342 -13.45 -32.09 15.79
N MET A 343 -13.03 -33.26 15.32
CA MET A 343 -11.79 -33.41 14.58
C MET A 343 -12.10 -33.58 13.10
N PHE A 344 -11.40 -32.83 12.25
CA PHE A 344 -11.65 -32.89 10.81
C PHE A 344 -10.41 -32.44 10.06
N ARG A 345 -10.41 -32.69 8.75
CA ARG A 345 -9.31 -32.30 7.89
C ARG A 345 -9.57 -30.93 7.29
N PHE A 346 -8.56 -30.06 7.36
CA PHE A 346 -8.65 -28.68 6.91
C PHE A 346 -7.72 -28.49 5.71
N ARG A 347 -8.23 -27.86 4.66
CA ARG A 347 -7.44 -27.60 3.46
C ARG A 347 -6.53 -26.40 3.73
N SER A 348 -5.24 -26.65 3.87
CA SER A 348 -4.29 -25.61 4.23
C SER A 348 -4.06 -24.68 3.02
N LYS A 349 -3.12 -23.75 3.17
CA LYS A 349 -2.81 -22.84 2.08
C LYS A 349 -2.19 -23.57 0.90
N ASN A 350 -1.35 -24.57 1.18
CA ASN A 350 -0.75 -25.40 0.13
C ASN A 350 -1.70 -26.48 -0.37
N GLN A 351 -2.99 -26.38 -0.06
CA GLN A 351 -3.98 -27.39 -0.41
C GLN A 351 -3.61 -28.76 0.16
N GLU A 352 -2.94 -28.77 1.31
CA GLU A 352 -2.70 -29.98 2.07
C GLU A 352 -3.83 -30.20 3.07
N TRP A 353 -3.88 -31.40 3.64
CA TRP A 353 -4.89 -31.76 4.63
C TRP A 353 -4.23 -31.76 6.01
N LEU A 354 -4.68 -30.85 6.86
CA LEU A 354 -4.19 -30.76 8.24
C LEU A 354 -5.30 -31.23 9.19
N TRP A 355 -4.98 -32.17 10.06
CA TRP A 355 -5.94 -32.62 11.05
C TRP A 355 -6.09 -31.56 12.13
N MET A 356 -7.32 -31.09 12.35
CA MET A 356 -7.60 -30.00 13.27
C MET A 356 -8.68 -30.44 14.24
N ARG A 357 -8.50 -30.04 15.50
CA ARG A 357 -9.51 -30.21 16.55
C ARG A 357 -10.12 -28.84 16.82
N THR A 358 -11.44 -28.75 16.71
CA THR A 358 -12.17 -27.51 16.89
C THR A 358 -13.07 -27.62 18.11
N SER A 359 -12.83 -26.76 19.10
CA SER A 359 -13.73 -26.61 20.23
C SER A 359 -14.72 -25.50 19.91
N SER A 360 -16.00 -25.74 20.16
CA SER A 360 -17.03 -24.79 19.80
C SER A 360 -18.01 -24.62 20.94
N PHE A 361 -18.39 -23.37 21.20
CA PHE A 361 -19.50 -23.06 22.09
C PHE A 361 -20.20 -21.82 21.57
N THR A 362 -21.30 -21.46 22.23
CA THR A 362 -22.11 -20.33 21.81
C THR A 362 -21.97 -19.17 22.79
N PHE A 363 -22.10 -17.95 22.27
CA PHE A 363 -22.12 -16.74 23.06
C PHE A 363 -23.55 -16.23 23.12
N GLN A 364 -24.12 -16.19 24.32
CA GLN A 364 -25.51 -15.79 24.51
C GLN A 364 -25.57 -14.34 24.98
N ASN A 365 -26.51 -13.60 24.40
CA ASN A 365 -26.76 -12.22 24.80
C ASN A 365 -27.13 -12.17 26.27
N PRO A 366 -26.41 -11.43 27.11
CA PRO A 366 -26.70 -11.44 28.55
C PRO A 366 -28.04 -10.83 28.93
N TYR A 367 -28.86 -10.40 27.98
CA TYR A 367 -30.22 -9.96 28.27
C TYR A 367 -31.27 -10.89 27.68
N SER A 368 -31.17 -11.20 26.40
CA SER A 368 -32.18 -12.00 25.71
C SER A 368 -31.80 -13.46 25.54
N ASP A 369 -30.62 -13.85 26.02
CA ASP A 369 -30.11 -15.23 25.94
C ASP A 369 -30.02 -15.77 24.52
N GLU A 370 -30.14 -14.91 23.51
CA GLU A 370 -30.03 -15.33 22.13
C GLU A 370 -28.57 -15.52 21.75
N ILE A 371 -28.33 -16.38 20.76
CA ILE A 371 -26.98 -16.70 20.34
C ILE A 371 -26.45 -15.59 19.45
N GLU A 372 -25.36 -14.94 19.88
CA GLU A 372 -24.73 -13.92 19.06
C GLU A 372 -23.86 -14.54 17.98
N TYR A 373 -23.00 -15.48 18.36
CA TYR A 373 -22.15 -16.19 17.40
C TYR A 373 -21.61 -17.45 18.07
N ILE A 374 -20.84 -18.22 17.30
CA ILE A 374 -20.20 -19.44 17.77
C ILE A 374 -18.72 -19.18 17.87
N ILE A 375 -18.15 -19.40 19.06
CA ILE A 375 -16.72 -19.28 19.28
C ILE A 375 -16.09 -20.64 19.06
N CYS A 376 -15.06 -20.67 18.23
CA CYS A 376 -14.32 -21.87 17.88
C CYS A 376 -12.85 -21.65 18.19
N THR A 377 -12.22 -22.66 18.78
CA THR A 377 -10.77 -22.72 18.94
C THR A 377 -10.29 -23.88 18.06
N ASN A 378 -9.57 -23.55 16.99
CA ASN A 378 -9.11 -24.53 16.02
C ASN A 378 -7.63 -24.78 16.25
N THR A 379 -7.27 -26.03 16.54
CA THR A 379 -5.92 -26.41 16.96
C THR A 379 -5.37 -27.48 16.03
N ASN A 380 -4.09 -27.35 15.69
CA ASN A 380 -3.40 -28.38 14.94
C ASN A 380 -3.21 -29.63 15.80
N VAL A 381 -3.21 -30.78 15.13
CA VAL A 381 -3.05 -32.06 15.82
C VAL A 381 -1.87 -32.83 15.23
N SER B 9 45.25 38.36 -18.45
CA SER B 9 45.13 36.94 -18.77
C SER B 9 46.34 36.16 -18.25
N ASN B 10 46.21 34.83 -18.27
CA ASN B 10 47.29 33.90 -17.94
C ASN B 10 46.82 32.48 -18.26
N PRO B 11 47.72 31.54 -18.57
CA PRO B 11 47.28 30.24 -19.10
C PRO B 11 46.36 29.45 -18.17
N SER B 12 46.63 29.44 -16.86
CA SER B 12 45.83 28.64 -15.94
C SER B 12 44.37 29.10 -15.95
N LYS B 13 44.17 30.40 -15.92
CA LYS B 13 42.77 30.88 -15.89
C LYS B 13 42.12 30.56 -17.22
N ARG B 14 42.85 30.70 -18.32
CA ARG B 14 42.23 30.40 -19.62
C ARG B 14 41.78 28.96 -19.69
N HIS B 15 42.61 28.02 -19.21
CA HIS B 15 42.20 26.63 -19.18
C HIS B 15 41.00 26.42 -18.26
N ARG B 16 41.00 27.07 -17.10
CA ARG B 16 39.87 26.95 -16.18
C ARG B 16 38.60 27.52 -16.79
N ASP B 17 38.72 28.61 -17.55
CA ASP B 17 37.56 29.20 -18.18
C ASP B 17 37.02 28.30 -19.30
N ARG B 18 37.92 27.60 -19.95
CA ARG B 18 37.53 26.66 -21.02
C ARG B 18 36.79 25.49 -20.37
N LEU B 19 37.26 25.02 -19.23
CA LEU B 19 36.58 23.96 -18.47
C LEU B 19 35.21 24.41 -17.98
N ASN B 20 35.12 25.63 -17.46
CA ASN B 20 33.84 26.13 -16.95
C ASN B 20 32.84 26.35 -18.07
N THR B 21 33.31 26.80 -19.24
CA THR B 21 32.43 26.90 -20.39
C THR B 21 31.84 25.55 -20.75
N GLU B 22 32.69 24.52 -20.81
CA GLU B 22 32.18 23.18 -21.11
C GLU B 22 31.21 22.71 -20.03
N LEU B 23 31.49 23.01 -18.76
CA LEU B 23 30.61 22.57 -17.68
C LEU B 23 29.25 23.25 -17.77
N ASP B 24 29.22 24.54 -18.08
CA ASP B 24 27.95 25.25 -18.19
C ASP B 24 27.17 24.82 -19.42
N ARG B 25 27.88 24.49 -20.51
CA ARG B 25 27.19 23.92 -21.67
C ARG B 25 26.62 22.55 -21.35
N LEU B 26 27.30 21.76 -20.54
CA LEU B 26 26.74 20.50 -20.07
C LEU B 26 25.50 20.74 -19.22
N ALA B 27 25.56 21.74 -18.34
CA ALA B 27 24.43 22.00 -17.45
C ALA B 27 23.21 22.47 -18.23
N SER B 28 23.41 23.29 -19.27
CA SER B 28 22.29 23.81 -20.05
C SER B 28 21.57 22.72 -20.84
N LEU B 29 22.14 21.52 -20.94
CA LEU B 29 21.53 20.42 -21.67
C LEU B 29 20.86 19.39 -20.77
N LEU B 30 21.02 19.51 -19.45
CA LEU B 30 20.44 18.53 -18.55
C LEU B 30 18.92 18.62 -18.57
N PRO B 31 18.22 17.49 -18.47
CA PRO B 31 16.74 17.49 -18.58
C PRO B 31 16.06 17.86 -17.28
N PHE B 32 16.28 19.08 -16.83
CA PHE B 32 15.69 19.59 -15.60
C PHE B 32 15.20 21.02 -15.84
N PRO B 33 14.23 21.48 -15.05
CA PRO B 33 13.84 22.89 -15.16
C PRO B 33 15.01 23.81 -14.85
N GLN B 34 15.00 25.00 -15.47
CA GLN B 34 16.14 25.89 -15.35
C GLN B 34 16.31 26.41 -13.92
N ASP B 35 15.23 26.48 -13.14
CA ASP B 35 15.38 26.84 -11.74
C ASP B 35 16.10 25.76 -10.95
N VAL B 36 16.08 24.52 -11.43
CA VAL B 36 16.87 23.46 -10.81
C VAL B 36 18.30 23.50 -11.32
N ILE B 37 18.49 23.79 -12.62
CA ILE B 37 19.82 23.80 -13.21
C ILE B 37 20.65 24.95 -12.65
N ASN B 38 20.02 26.12 -12.43
CA ASN B 38 20.77 27.30 -12.04
C ASN B 38 21.39 27.17 -10.66
N LYS B 39 20.77 26.38 -9.77
CA LYS B 39 21.28 26.20 -8.42
C LYS B 39 22.08 24.91 -8.26
N LEU B 40 22.51 24.31 -9.36
CA LEU B 40 23.37 23.14 -9.33
C LEU B 40 24.83 23.56 -9.26
N ASP B 41 25.63 22.75 -8.57
CA ASP B 41 27.07 22.93 -8.56
C ASP B 41 27.72 22.05 -9.64
N LYS B 42 28.97 22.37 -9.96
CA LYS B 42 29.66 21.68 -11.06
C LYS B 42 29.74 20.18 -10.81
N LEU B 43 29.95 19.77 -9.55
CA LEU B 43 30.07 18.35 -9.23
C LEU B 43 28.77 17.62 -9.54
N SER B 44 27.64 18.14 -9.07
CA SER B 44 26.37 17.50 -9.38
C SER B 44 25.97 17.70 -10.83
N VAL B 45 26.45 18.76 -11.49
CA VAL B 45 26.24 18.89 -12.94
C VAL B 45 26.85 17.69 -13.65
N LEU B 46 28.12 17.39 -13.37
CA LEU B 46 28.76 16.22 -13.97
C LEU B 46 28.05 14.93 -13.53
N ARG B 47 27.66 14.85 -12.26
CA ARG B 47 27.00 13.65 -11.75
C ARG B 47 25.73 13.34 -12.52
N LEU B 48 24.86 14.34 -12.69
CA LEU B 48 23.61 14.10 -13.38
C LEU B 48 23.78 13.99 -14.89
N SER B 49 24.83 14.59 -15.47
CA SER B 49 25.15 14.29 -16.87
C SER B 49 25.48 12.81 -17.03
N VAL B 50 26.34 12.28 -16.16
CA VAL B 50 26.65 10.86 -16.17
C VAL B 50 25.38 10.03 -15.98
N SER B 51 24.51 10.47 -15.07
CA SER B 51 23.27 9.74 -14.82
C SER B 51 22.39 9.69 -16.05
N TYR B 52 22.23 10.83 -16.72
CA TYR B 52 21.43 10.88 -17.94
C TYR B 52 22.01 9.95 -19.00
N LEU B 53 23.33 9.97 -19.17
CA LEU B 53 23.95 9.11 -20.18
C LEU B 53 23.75 7.64 -19.86
N ARG B 54 23.92 7.25 -18.58
CA ARG B 54 23.74 5.85 -18.20
C ARG B 54 22.29 5.41 -18.38
N ALA B 55 21.34 6.27 -18.01
CA ALA B 55 19.93 5.94 -18.21
C ALA B 55 19.60 5.77 -19.68
N LYS B 56 20.08 6.69 -20.52
CA LYS B 56 19.78 6.60 -21.95
C LYS B 56 20.42 5.36 -22.56
N SER B 57 21.64 5.02 -22.13
CA SER B 57 22.29 3.83 -22.66
C SER B 57 21.57 2.56 -22.21
N PHE B 58 21.01 2.55 -21.00
CA PHE B 58 20.23 1.39 -20.57
C PHE B 58 18.92 1.28 -21.35
N PHE B 59 18.22 2.40 -21.52
CA PHE B 59 16.95 2.37 -22.24
C PHE B 59 17.14 2.12 -23.73
N ASP B 60 18.33 2.36 -24.27
CA ASP B 60 18.56 2.09 -25.68
C ASP B 60 18.52 0.59 -25.97
N VAL B 61 18.83 -0.24 -24.99
CA VAL B 61 18.89 -1.68 -25.21
C VAL B 61 17.70 -2.37 -24.57
N SER B 62 17.16 -1.79 -23.50
CA SER B 62 16.07 -2.46 -22.80
C SER B 62 14.68 -2.02 -23.28
N LEU B 63 14.52 -0.78 -23.74
CA LEU B 63 13.21 -0.23 -24.07
C LEU B 63 13.04 -0.15 -25.59
N LYS B 64 11.83 -0.47 -26.05
CA LYS B 64 11.47 -0.46 -27.46
C LYS B 64 12.54 -1.11 -28.33
N GLY B 72 1.24 2.49 -26.23
CA GLY B 72 0.42 2.69 -27.42
C GLY B 72 -0.92 1.98 -27.38
N VAL B 73 -2.00 2.75 -27.55
CA VAL B 73 -3.33 2.16 -27.59
C VAL B 73 -3.47 1.31 -28.86
N GLN B 74 -4.36 0.31 -28.78
CA GLN B 74 -4.73 -0.45 -29.96
C GLN B 74 -5.26 0.49 -31.04
N ASP B 75 -4.85 0.22 -32.29
CA ASP B 75 -5.35 1.00 -33.42
C ASP B 75 -6.85 0.83 -33.58
N ASN B 76 -7.39 -0.27 -33.05
CA ASN B 76 -8.83 -0.47 -32.98
C ASN B 76 -9.48 0.37 -31.89
N CYS B 77 -8.72 0.77 -30.87
CA CYS B 77 -9.25 1.54 -29.75
C CYS B 77 -8.67 2.95 -29.71
N ARG B 78 -8.40 3.53 -30.88
CA ARG B 78 -7.63 4.76 -30.99
C ARG B 78 -8.58 5.96 -31.10
N THR B 79 -8.61 6.77 -30.04
CA THR B 79 -9.19 8.09 -30.07
C THR B 79 -8.15 9.09 -29.59
N LYS B 80 -8.29 10.35 -30.01
CA LYS B 80 -7.26 11.34 -29.69
C LYS B 80 -7.17 11.58 -28.18
N PHE B 81 -8.32 11.60 -27.49
CA PHE B 81 -8.28 11.71 -26.03
C PHE B 81 -7.53 10.54 -25.42
N ARG B 82 -7.76 9.32 -25.93
CA ARG B 82 -7.01 8.17 -25.46
C ARG B 82 -5.53 8.28 -25.81
N GLU B 83 -5.20 8.91 -26.94
CA GLU B 83 -3.79 9.11 -27.27
C GLU B 83 -3.13 10.07 -26.29
N GLY B 84 -3.82 11.15 -25.94
CA GLY B 84 -3.31 12.06 -24.93
C GLY B 84 -3.14 11.39 -23.57
N LEU B 85 -4.08 10.51 -23.22
CA LEU B 85 -3.92 9.76 -21.97
C LEU B 85 -2.73 8.80 -22.06
N ASN B 86 -2.51 8.20 -23.23
CA ASN B 86 -1.40 7.28 -23.40
C ASN B 86 -0.06 8.00 -23.29
N LEU B 87 0.01 9.25 -23.79
CA LEU B 87 1.25 10.01 -23.68
C LEU B 87 1.56 10.44 -22.26
N GLN B 88 0.66 10.21 -21.31
CA GLN B 88 0.90 10.48 -19.89
C GLN B 88 0.79 9.23 -19.04
N GLU B 89 0.48 8.09 -19.63
CA GLU B 89 0.43 6.80 -18.96
C GLU B 89 1.57 6.60 -17.94
N GLY B 90 2.77 7.06 -18.27
CA GLY B 90 3.88 6.91 -17.33
C GLY B 90 3.65 7.70 -16.04
N GLU B 91 3.32 8.98 -16.17
CA GLU B 91 3.02 9.80 -14.99
C GLU B 91 1.80 9.27 -14.24
N PHE B 92 0.83 8.72 -14.97
CA PHE B 92 -0.35 8.16 -14.33
C PHE B 92 0.02 6.95 -13.47
N LEU B 93 0.84 6.05 -14.00
CA LEU B 93 1.34 4.94 -13.20
C LEU B 93 2.13 5.44 -12.01
N LEU B 94 3.00 6.43 -12.22
CA LEU B 94 3.81 6.96 -11.12
C LEU B 94 2.93 7.53 -10.01
N GLN B 95 1.86 8.23 -10.37
CA GLN B 95 0.98 8.79 -9.35
C GLN B 95 0.13 7.73 -8.69
N ALA B 96 -0.20 6.66 -9.41
CA ALA B 96 -0.93 5.55 -8.81
C ALA B 96 -0.05 4.68 -7.92
N LEU B 97 1.27 4.82 -8.01
CA LEU B 97 2.17 4.00 -7.20
C LEU B 97 1.91 4.14 -5.71
N ASN B 98 1.52 5.32 -5.25
CA ASN B 98 1.48 5.66 -3.83
C ASN B 98 2.85 5.40 -3.20
N GLY B 99 3.85 6.09 -3.74
CA GLY B 99 5.24 5.88 -3.35
C GLY B 99 6.18 6.38 -4.42
N PHE B 100 7.29 5.68 -4.63
CA PHE B 100 8.22 6.12 -5.66
C PHE B 100 8.99 4.94 -6.24
N VAL B 101 9.61 5.18 -7.40
CA VAL B 101 10.44 4.20 -8.09
C VAL B 101 11.86 4.36 -7.61
N LEU B 102 12.58 3.24 -7.50
CA LEU B 102 13.98 3.26 -7.12
C LEU B 102 14.71 2.16 -7.87
N VAL B 103 15.69 2.54 -8.68
CA VAL B 103 16.58 1.60 -9.34
C VAL B 103 17.97 1.81 -8.76
N VAL B 104 18.54 0.72 -8.23
CA VAL B 104 19.78 0.76 -7.45
C VAL B 104 20.76 -0.25 -8.06
N THR B 105 21.97 0.21 -8.36
CA THR B 105 22.99 -0.65 -8.94
C THR B 105 23.59 -1.59 -7.89
N THR B 106 24.50 -2.47 -8.33
CA THR B 106 25.18 -3.36 -7.40
C THR B 106 26.07 -2.58 -6.44
N ASP B 107 26.57 -1.42 -6.86
CA ASP B 107 27.39 -0.56 -6.02
C ASP B 107 26.55 0.30 -5.07
N ALA B 108 25.28 -0.07 -4.88
CA ALA B 108 24.34 0.67 -4.03
C ALA B 108 24.15 2.11 -4.48
N LEU B 109 24.49 2.41 -5.73
CA LEU B 109 24.23 3.73 -6.29
C LEU B 109 22.80 3.82 -6.78
N VAL B 110 22.18 4.98 -6.59
CA VAL B 110 20.80 5.20 -7.05
C VAL B 110 20.86 5.44 -8.56
N PHE B 111 20.61 4.38 -9.34
CA PHE B 111 20.51 4.54 -10.78
C PHE B 111 19.38 5.49 -11.15
N TYR B 112 18.25 5.39 -10.46
CA TYR B 112 17.16 6.31 -10.72
C TYR B 112 16.23 6.38 -9.51
N ALA B 113 15.63 7.54 -9.31
CA ALA B 113 14.58 7.76 -8.33
C ALA B 113 13.56 8.71 -8.93
N SER B 114 12.29 8.34 -8.85
CA SER B 114 11.24 9.18 -9.41
C SER B 114 11.09 10.46 -8.58
N SER B 115 10.34 11.41 -9.14
CA SER B 115 10.16 12.70 -8.47
C SER B 115 9.37 12.56 -7.18
N THR B 116 8.41 11.62 -7.13
CA THR B 116 7.54 11.48 -5.98
C THR B 116 8.29 11.14 -4.69
N ILE B 117 9.58 10.83 -4.77
CA ILE B 117 10.36 10.65 -3.55
C ILE B 117 10.32 11.92 -2.72
N GLN B 118 10.33 13.08 -3.37
CA GLN B 118 10.21 14.34 -2.65
C GLN B 118 8.91 14.41 -1.86
N ASP B 119 7.84 13.82 -2.39
CA ASP B 119 6.57 13.82 -1.68
C ASP B 119 6.57 12.89 -0.47
N TYR B 120 7.50 11.94 -0.40
CA TYR B 120 7.47 10.93 0.65
C TYR B 120 8.66 11.00 1.60
N LEU B 121 9.80 11.49 1.14
CA LEU B 121 10.99 11.59 1.98
C LEU B 121 11.54 13.01 2.09
N GLY B 122 11.10 13.93 1.23
CA GLY B 122 11.62 15.28 1.22
C GLY B 122 12.89 15.47 0.44
N PHE B 123 13.48 14.41 -0.10
CA PHE B 123 14.69 14.53 -0.90
C PHE B 123 14.36 14.87 -2.34
N GLN B 124 15.16 15.76 -2.92
CA GLN B 124 14.98 16.11 -4.32
C GLN B 124 15.52 15.00 -5.22
N GLN B 125 14.85 14.81 -6.35
CA GLN B 125 15.28 13.79 -7.30
C GLN B 125 16.68 14.07 -7.81
N SER B 126 16.98 15.34 -8.12
CA SER B 126 18.27 15.71 -8.68
C SER B 126 19.43 15.55 -7.70
N ASP B 127 19.11 15.33 -6.43
CA ASP B 127 20.18 15.26 -5.40
C ASP B 127 20.48 13.81 -5.03
N VAL B 128 19.56 12.93 -5.31
CA VAL B 128 19.61 11.50 -4.91
C VAL B 128 20.09 10.64 -6.06
N ILE B 129 19.99 11.10 -7.30
CA ILE B 129 20.40 10.26 -8.46
C ILE B 129 21.92 10.21 -8.50
N HIS B 130 22.46 9.00 -8.66
CA HIS B 130 23.90 8.68 -8.76
C HIS B 130 24.59 8.83 -7.42
N GLN B 131 23.86 8.71 -6.32
CA GLN B 131 24.44 8.80 -4.99
C GLN B 131 24.26 7.46 -4.28
N SER B 132 25.05 7.26 -3.22
CA SER B 132 24.93 6.05 -2.42
C SER B 132 23.56 5.99 -1.78
N VAL B 133 22.81 4.90 -2.05
CA VAL B 133 21.48 4.75 -1.48
C VAL B 133 21.52 4.59 0.03
N TYR B 134 22.66 4.15 0.59
CA TYR B 134 22.76 3.98 2.04
C TYR B 134 22.57 5.31 2.78
N GLU B 135 22.90 6.42 2.13
CA GLU B 135 22.68 7.73 2.74
C GLU B 135 21.21 7.99 3.02
N LEU B 136 20.30 7.34 2.28
CA LEU B 136 18.87 7.51 2.50
C LEU B 136 18.29 6.46 3.45
N ILE B 137 19.02 5.39 3.74
CA ILE B 137 18.50 4.27 4.51
C ILE B 137 19.04 4.34 5.93
N HIS B 138 18.21 3.92 6.89
CA HIS B 138 18.64 3.80 8.28
C HIS B 138 19.83 2.84 8.37
N THR B 139 20.75 3.14 9.29
CA THR B 139 21.94 2.30 9.45
C THR B 139 21.57 0.88 9.81
N GLU B 140 20.73 0.70 10.84
CA GLU B 140 20.33 -0.61 11.30
C GLU B 140 19.68 -1.45 10.20
N ASP B 141 19.17 -0.81 9.14
CA ASP B 141 18.54 -1.52 8.04
C ASP B 141 19.44 -1.68 6.83
N ARG B 142 20.55 -0.93 6.76
CA ARG B 142 21.40 -0.94 5.58
C ARG B 142 21.82 -2.36 5.20
N ALA B 143 22.34 -3.11 6.17
CA ALA B 143 22.76 -4.48 5.92
C ALA B 143 21.65 -5.26 5.22
N GLU B 144 20.42 -5.17 5.74
CA GLU B 144 19.29 -5.87 5.12
C GLU B 144 19.17 -5.51 3.65
N PHE B 145 19.20 -4.21 3.34
CA PHE B 145 19.13 -3.78 1.95
C PHE B 145 20.22 -4.43 1.12
N GLN B 146 21.45 -4.49 1.66
CA GLN B 146 22.54 -5.12 0.94
C GLN B 146 22.23 -6.58 0.65
N ARG B 147 21.66 -7.29 1.62
CA ARG B 147 21.30 -8.68 1.39
C ARG B 147 20.20 -8.82 0.35
N GLN B 148 19.40 -7.76 0.15
CA GLN B 148 18.41 -7.77 -0.92
C GLN B 148 19.01 -7.38 -2.26
N LEU B 149 20.18 -6.74 -2.26
CA LEU B 149 20.83 -6.35 -3.50
C LEU B 149 21.62 -7.47 -4.14
N HIS B 150 21.84 -8.57 -3.42
CA HIS B 150 22.66 -9.67 -3.92
C HIS B 150 21.94 -11.01 -3.76
N PHE B 189 16.27 -17.07 -7.78
CA PHE B 189 15.07 -16.27 -8.05
C PHE B 189 15.34 -14.78 -7.86
N MET B 190 14.54 -13.94 -8.51
CA MET B 190 14.81 -12.50 -8.60
C MET B 190 13.84 -11.63 -7.81
N GLU B 191 12.56 -12.01 -7.73
CA GLU B 191 11.56 -11.15 -7.10
C GLU B 191 11.90 -10.88 -5.65
N ARG B 192 11.74 -9.61 -5.25
CA ARG B 192 12.13 -9.14 -3.93
C ARG B 192 10.96 -8.41 -3.26
N CYS B 193 10.82 -8.63 -1.96
CA CYS B 193 9.76 -7.99 -1.17
C CYS B 193 10.26 -7.88 0.26
N PHE B 194 10.51 -6.65 0.72
CA PHE B 194 11.08 -6.46 2.05
C PHE B 194 10.65 -5.08 2.58
N VAL B 195 11.24 -4.69 3.72
CA VAL B 195 10.88 -3.46 4.41
C VAL B 195 12.15 -2.77 4.86
N CYS B 196 12.19 -1.44 4.76
CA CYS B 196 13.35 -0.67 5.16
C CYS B 196 12.91 0.71 5.63
N ARG B 197 13.60 1.25 6.63
CA ARG B 197 13.33 2.59 7.13
C ARG B 197 14.25 3.57 6.41
N LEU B 198 13.66 4.52 5.70
CA LEU B 198 14.41 5.51 4.94
C LEU B 198 14.28 6.89 5.57
N ARG B 199 15.31 7.71 5.36
CA ARG B 199 15.34 9.05 5.94
C ARG B 199 14.19 9.89 5.39
N CYS B 200 13.54 10.63 6.28
CA CYS B 200 12.37 11.43 5.94
C CYS B 200 12.57 12.84 6.49
N LEU B 201 12.72 13.82 5.60
CA LEU B 201 12.98 15.23 5.97
C LEU B 201 11.67 15.97 6.15
N LEU B 202 10.58 15.35 5.76
CA LEU B 202 9.25 15.98 5.78
C LEU B 202 8.92 16.52 7.16
N ASP B 203 8.77 17.84 7.25
CA ASP B 203 8.46 18.65 8.47
C ASP B 203 9.39 18.27 9.62
N GLY B 207 11.46 11.49 11.68
CA GLY B 207 12.84 11.46 11.23
C GLY B 207 13.12 10.34 10.25
N PHE B 208 12.31 9.29 10.30
CA PHE B 208 12.45 8.14 9.42
C PHE B 208 11.07 7.59 9.09
N LEU B 209 10.96 6.98 7.92
CA LEU B 209 9.71 6.38 7.47
C LEU B 209 9.98 4.94 7.05
N ALA B 210 9.28 4.01 7.69
CA ALA B 210 9.34 2.62 7.25
C ALA B 210 8.58 2.47 5.94
N MET B 211 9.15 1.71 5.01
CA MET B 211 8.58 1.60 3.67
C MET B 211 8.76 0.18 3.16
N ASN B 212 7.71 -0.32 2.52
CA ASN B 212 7.74 -1.61 1.86
C ASN B 212 8.33 -1.46 0.47
N PHE B 213 9.35 -2.26 0.17
CA PHE B 213 9.99 -2.31 -1.13
C PHE B 213 9.54 -3.56 -1.86
N GLN B 214 8.97 -3.37 -3.05
CA GLN B 214 8.48 -4.46 -3.90
C GLN B 214 9.15 -4.32 -5.25
N GLY B 215 9.96 -5.31 -5.62
CA GLY B 215 10.74 -5.15 -6.84
C GLY B 215 11.34 -6.44 -7.35
N ARG B 216 12.40 -6.28 -8.13
CA ARG B 216 13.03 -7.37 -8.85
C ARG B 216 14.50 -7.05 -9.10
N LEU B 217 15.28 -8.09 -9.38
CA LEU B 217 16.69 -7.98 -9.72
C LEU B 217 16.84 -8.30 -11.21
N LYS B 218 17.25 -7.30 -11.99
CA LYS B 218 17.39 -7.46 -13.43
C LYS B 218 18.71 -6.85 -13.88
N TYR B 219 19.26 -7.39 -14.97
CA TYR B 219 20.58 -6.95 -15.45
C TYR B 219 20.50 -5.54 -16.00
N LEU B 220 21.35 -4.66 -15.48
CA LEU B 220 21.41 -3.26 -15.91
C LEU B 220 22.36 -3.16 -17.09
N HIS B 221 21.82 -3.30 -18.30
CA HIS B 221 22.62 -3.32 -19.51
C HIS B 221 23.15 -1.92 -19.83
N GLY B 222 24.12 -1.89 -20.74
CA GLY B 222 24.65 -0.64 -21.28
C GLY B 222 25.36 0.25 -20.27
N GLN B 223 26.18 -0.32 -19.40
CA GLN B 223 26.89 0.47 -18.40
C GLN B 223 28.40 0.56 -18.64
N ASN B 224 28.94 -0.22 -19.58
CA ASN B 224 30.33 -0.07 -20.03
C ASN B 224 31.33 -0.13 -18.89
N LYS B 225 31.16 -1.14 -18.05
CA LYS B 225 32.04 -1.29 -16.91
C LYS B 225 33.35 -1.96 -17.32
N LYS B 226 34.45 -1.43 -16.80
CA LYS B 226 35.75 -2.06 -16.97
C LYS B 226 36.54 -1.94 -15.68
N ILE B 232 35.86 -5.46 -20.55
CA ILE B 232 34.46 -5.05 -20.57
C ILE B 232 33.62 -6.01 -19.75
N LEU B 233 33.12 -5.52 -18.62
CA LEU B 233 32.38 -6.35 -17.70
C LEU B 233 31.00 -6.69 -18.26
N PRO B 234 30.46 -7.84 -17.88
CA PRO B 234 29.04 -8.11 -18.13
C PRO B 234 28.18 -7.22 -17.25
N PRO B 235 26.93 -6.98 -17.63
CA PRO B 235 26.07 -6.12 -16.79
C PRO B 235 25.83 -6.76 -15.43
N GLN B 236 25.66 -5.90 -14.43
CA GLN B 236 25.41 -6.34 -13.06
C GLN B 236 23.91 -6.27 -12.76
N LEU B 237 23.50 -7.03 -11.75
CA LEU B 237 22.10 -7.11 -11.38
C LEU B 237 21.73 -5.89 -10.55
N ALA B 238 20.89 -5.03 -11.10
CA ALA B 238 20.35 -3.88 -10.38
C ALA B 238 18.95 -4.21 -9.86
N LEU B 239 18.58 -3.52 -8.79
CA LEU B 239 17.26 -3.66 -8.17
C LEU B 239 16.32 -2.60 -8.73
N PHE B 240 15.23 -3.04 -9.35
CA PHE B 240 14.14 -2.17 -9.78
C PHE B 240 13.00 -2.37 -8.80
N ALA B 241 12.68 -1.35 -8.00
CA ALA B 241 11.72 -1.52 -6.93
C ALA B 241 10.80 -0.33 -6.83
N ILE B 242 9.66 -0.56 -6.19
CA ILE B 242 8.70 0.47 -5.81
C ILE B 242 8.64 0.51 -4.30
N ALA B 243 8.77 1.71 -3.74
CA ALA B 243 8.74 1.91 -2.30
C ALA B 243 7.44 2.59 -1.92
N THR B 244 6.71 2.00 -1.00
CA THR B 244 5.42 2.49 -0.53
C THR B 244 5.43 2.60 0.99
N PRO B 245 4.52 3.40 1.57
CA PRO B 245 4.43 3.45 3.04
C PRO B 245 3.85 2.18 3.65
N LEU B 246 3.57 2.20 4.95
CA LEU B 246 3.08 1.04 5.69
C LEU B 246 1.64 1.28 6.16
N GLN B 247 1.06 0.22 6.73
CA GLN B 247 -0.38 0.19 7.03
C GLN B 247 -0.63 -0.30 8.45
N PRO B 248 -1.44 0.41 9.24
CA PRO B 248 -1.98 -0.16 10.47
C PRO B 248 -3.48 -0.35 10.38
N PRO B 249 -4.02 -1.40 11.01
CA PRO B 249 -5.47 -1.63 10.95
C PRO B 249 -6.20 -1.12 12.18
N SER B 250 -6.20 0.19 12.39
CA SER B 250 -6.86 0.78 13.54
C SER B 250 -7.16 2.25 13.25
N ILE B 251 -8.27 2.73 13.80
CA ILE B 251 -8.73 4.10 13.59
C ILE B 251 -8.47 4.89 14.86
N LEU B 252 -7.50 5.80 14.80
CA LEU B 252 -7.27 6.78 15.86
C LEU B 252 -7.81 8.13 15.39
N GLU B 253 -8.62 8.77 16.22
CA GLU B 253 -9.13 10.08 15.89
C GLU B 253 -7.99 11.10 15.80
N ILE B 254 -8.18 12.09 14.93
CA ILE B 254 -7.24 13.21 14.87
C ILE B 254 -7.58 14.27 15.90
N ARG B 255 -8.87 14.60 15.97
CA ARG B 255 -9.36 15.62 16.92
C ARG B 255 -9.92 14.90 18.14
N THR B 256 -9.23 13.80 18.50
CA THR B 256 -9.45 12.84 19.64
C THR B 256 -10.19 13.44 20.83
N LYS B 257 -9.69 14.57 21.34
CA LYS B 257 -10.19 15.38 22.48
C LYS B 257 -11.69 15.70 22.36
N ASN B 258 -12.44 15.32 23.38
CA ASN B 258 -13.89 15.62 23.49
C ASN B 258 -14.68 15.23 22.24
N PHE B 259 -14.29 14.17 21.56
CA PHE B 259 -15.15 13.65 20.51
C PHE B 259 -16.12 12.63 21.05
N ILE B 260 -16.68 12.92 22.23
CA ILE B 260 -17.63 12.02 22.86
C ILE B 260 -18.89 11.95 22.02
N PHE B 261 -19.33 10.72 21.73
CA PHE B 261 -20.54 10.50 20.97
C PHE B 261 -21.45 9.54 21.74
N ARG B 262 -22.75 9.74 21.60
CA ARG B 262 -23.75 8.93 22.28
C ARG B 262 -24.46 8.03 21.27
N THR B 263 -24.79 6.82 21.70
CA THR B 263 -25.54 5.87 20.90
C THR B 263 -26.71 5.34 21.73
N LYS B 264 -27.83 5.11 21.06
CA LYS B 264 -29.01 4.53 21.68
C LYS B 264 -29.13 3.07 21.24
N HIS B 265 -29.53 2.20 22.17
CA HIS B 265 -29.58 0.78 21.90
C HIS B 265 -30.84 0.17 22.51
N LYS B 266 -31.27 -0.95 21.94
CA LYS B 266 -32.29 -1.75 22.59
C LYS B 266 -31.70 -2.44 23.82
N LEU B 267 -32.57 -3.11 24.57
CA LEU B 267 -32.11 -3.77 25.79
C LEU B 267 -31.10 -4.88 25.53
N ASP B 268 -31.07 -5.43 24.31
CA ASP B 268 -30.06 -6.40 23.91
C ASP B 268 -28.87 -5.76 23.22
N PHE B 269 -28.69 -4.45 23.40
CA PHE B 269 -27.57 -3.69 22.81
C PHE B 269 -27.60 -3.69 21.29
N THR B 270 -28.81 -3.70 20.72
CA THR B 270 -28.97 -3.49 19.28
C THR B 270 -29.06 -1.99 19.01
N PRO B 271 -28.14 -1.42 18.22
CA PRO B 271 -28.21 0.02 17.95
C PRO B 271 -29.53 0.43 17.33
N THR B 272 -30.05 1.57 17.77
CA THR B 272 -31.24 2.19 17.21
C THR B 272 -31.04 3.64 16.83
N GLY B 273 -30.10 4.34 17.45
CA GLY B 273 -29.81 5.71 17.10
C GLY B 273 -28.34 6.01 17.31
N CYS B 274 -27.89 7.11 16.70
CA CYS B 274 -26.50 7.51 16.77
C CYS B 274 -26.39 8.98 16.39
N ASP B 275 -25.48 9.70 17.04
CA ASP B 275 -25.27 11.11 16.77
C ASP B 275 -24.26 11.29 15.63
N ALA B 276 -24.00 12.55 15.29
CA ALA B 276 -23.14 12.84 14.14
C ALA B 276 -21.71 12.38 14.39
N LYS B 277 -21.16 12.72 15.56
CA LYS B 277 -19.79 12.31 15.87
C LYS B 277 -19.65 10.80 15.87
N GLY B 278 -20.70 10.08 16.26
CA GLY B 278 -20.66 8.63 16.17
C GLY B 278 -20.61 8.13 14.73
N LYS B 279 -21.41 8.75 13.86
CA LYS B 279 -21.35 8.39 12.44
C LYS B 279 -19.99 8.73 11.83
N ILE B 280 -19.31 9.73 12.38
CA ILE B 280 -17.97 10.07 11.90
C ILE B 280 -16.95 9.06 12.40
N VAL B 281 -17.05 8.65 13.67
CA VAL B 281 -16.06 7.75 14.24
C VAL B 281 -16.22 6.34 13.67
N LEU B 282 -17.42 5.79 13.76
CA LEU B 282 -17.64 4.39 13.37
C LEU B 282 -17.80 4.22 11.87
N GLY B 283 -18.27 5.25 11.16
CA GLY B 283 -18.38 5.18 9.72
C GLY B 283 -19.67 4.60 9.18
N TYR B 284 -20.62 4.27 10.05
CA TYR B 284 -21.92 3.77 9.62
C TYR B 284 -22.93 4.90 9.54
N THR B 285 -23.89 4.76 8.64
CA THR B 285 -25.07 5.60 8.70
C THR B 285 -26.03 5.05 9.74
N GLU B 286 -26.99 5.88 10.15
CA GLU B 286 -27.92 5.48 11.20
C GLU B 286 -28.69 4.22 10.81
N ALA B 287 -29.13 4.14 9.55
CA ALA B 287 -29.83 2.94 9.11
C ALA B 287 -28.89 1.74 9.07
N GLU B 288 -27.64 1.95 8.66
CA GLU B 288 -26.70 0.84 8.58
C GLU B 288 -26.34 0.29 9.96
N LEU B 289 -26.38 1.13 10.99
CA LEU B 289 -25.98 0.70 12.32
C LEU B 289 -27.02 -0.20 12.98
N CYS B 290 -28.29 -0.12 12.57
CA CYS B 290 -29.35 -0.90 13.18
C CYS B 290 -29.75 -2.11 12.35
N MET B 291 -28.98 -2.45 11.31
CA MET B 291 -29.33 -3.56 10.43
C MET B 291 -28.36 -4.73 10.54
N ARG B 292 -27.45 -4.71 11.52
CA ARG B 292 -26.41 -5.72 11.64
C ARG B 292 -26.52 -6.49 12.96
N GLY B 293 -27.73 -6.62 13.48
CA GLY B 293 -27.92 -7.30 14.75
C GLY B 293 -27.48 -6.45 15.93
N THR B 294 -27.30 -7.11 17.06
CA THR B 294 -26.92 -6.42 18.28
C THR B 294 -25.47 -5.93 18.19
N GLY B 295 -25.09 -5.10 19.16
CA GLY B 295 -23.76 -4.53 19.19
C GLY B 295 -22.65 -5.54 19.41
N TYR B 296 -22.98 -6.76 19.84
CA TYR B 296 -21.96 -7.78 20.03
C TYR B 296 -21.36 -8.25 18.72
N GLN B 297 -22.06 -8.03 17.60
CA GLN B 297 -21.47 -8.28 16.30
C GLN B 297 -20.39 -7.26 15.95
N PHE B 298 -20.36 -6.12 16.66
CA PHE B 298 -19.40 -5.06 16.44
C PHE B 298 -18.17 -5.15 17.32
N ILE B 299 -18.20 -6.02 18.34
CA ILE B 299 -17.19 -6.00 19.41
C ILE B 299 -16.06 -6.95 19.07
N HIS B 300 -14.83 -6.48 19.28
CA HIS B 300 -13.65 -7.33 19.14
C HIS B 300 -13.79 -8.59 19.99
N ALA B 301 -13.36 -9.72 19.43
CA ALA B 301 -13.49 -11.00 20.13
C ALA B 301 -12.71 -11.03 21.44
N ALA B 302 -11.72 -10.14 21.60
CA ALA B 302 -10.97 -10.06 22.84
C ALA B 302 -11.68 -9.26 23.91
N ASP B 303 -12.82 -8.66 23.60
CA ASP B 303 -13.55 -7.82 24.55
C ASP B 303 -14.98 -8.28 24.78
N MET B 304 -15.46 -9.31 24.07
CA MET B 304 -16.87 -9.67 24.13
C MET B 304 -17.27 -10.10 25.54
N LEU B 305 -16.39 -10.83 26.24
CA LEU B 305 -16.74 -11.30 27.58
C LEU B 305 -16.75 -10.14 28.58
N TYR B 306 -15.83 -9.18 28.44
CA TYR B 306 -15.85 -8.00 29.30
C TYR B 306 -17.11 -7.19 29.07
N CYS B 307 -17.48 -6.99 27.81
CA CYS B 307 -18.69 -6.26 27.49
C CYS B 307 -19.93 -6.98 28.02
N ALA B 308 -19.93 -8.31 27.97
CA ALA B 308 -21.05 -9.07 28.49
C ALA B 308 -21.14 -8.95 30.01
N GLU B 309 -19.99 -9.02 30.70
CA GLU B 309 -19.98 -8.84 32.15
C GLU B 309 -20.50 -7.46 32.54
N TYR B 310 -20.07 -6.42 31.81
CA TYR B 310 -20.52 -5.08 32.17
C TYR B 310 -21.98 -4.85 31.75
N HIS B 311 -22.44 -5.56 30.73
CA HIS B 311 -23.87 -5.54 30.41
C HIS B 311 -24.69 -6.18 31.53
N VAL B 312 -24.18 -7.27 32.10
CA VAL B 312 -24.85 -7.87 33.25
C VAL B 312 -24.87 -6.89 34.42
N ARG B 313 -23.74 -6.22 34.67
CA ARG B 313 -23.70 -5.21 35.73
C ARG B 313 -24.75 -4.12 35.50
N MET B 314 -24.87 -3.66 34.26
CA MET B 314 -25.84 -2.60 33.95
C MET B 314 -27.28 -3.10 34.09
N ILE B 315 -27.53 -4.35 33.69
CA ILE B 315 -28.86 -4.93 33.89
C ILE B 315 -29.18 -4.99 35.38
N LYS B 316 -28.19 -5.30 36.20
CA LYS B 316 -28.45 -5.49 37.63
C LYS B 316 -28.65 -4.18 38.37
N THR B 317 -27.83 -3.16 38.07
CA THR B 317 -27.88 -1.92 38.84
C THR B 317 -28.17 -0.67 38.00
N GLY B 318 -28.46 -0.82 36.70
CA GLY B 318 -28.79 0.31 35.86
C GLY B 318 -27.59 1.04 35.28
N GLU B 319 -26.41 0.88 35.85
CA GLU B 319 -25.19 1.51 35.36
C GLU B 319 -24.15 0.43 35.12
N SER B 320 -23.35 0.59 34.06
CA SER B 320 -22.33 -0.38 33.70
C SER B 320 -20.95 -0.04 34.22
N GLY B 321 -20.60 1.24 34.29
CA GLY B 321 -19.26 1.65 34.63
C GLY B 321 -18.37 1.78 33.41
N MET B 322 -17.19 2.38 33.63
CA MET B 322 -16.27 2.63 32.54
C MET B 322 -15.70 1.31 32.01
N ILE B 323 -15.78 1.12 30.70
CA ILE B 323 -15.25 -0.09 30.07
C ILE B 323 -14.54 0.29 28.78
N VAL B 324 -13.34 -0.24 28.57
CA VAL B 324 -12.54 0.05 27.39
C VAL B 324 -12.58 -1.16 26.46
N PHE B 325 -13.06 -0.95 25.24
CA PHE B 325 -13.19 -2.06 24.29
C PHE B 325 -13.12 -1.53 22.86
N ARG B 326 -13.10 -2.45 21.90
CA ARG B 326 -12.89 -2.11 20.50
C ARG B 326 -14.16 -2.32 19.70
N LEU B 327 -14.52 -1.32 18.88
CA LEU B 327 -15.65 -1.39 17.98
C LEU B 327 -15.17 -1.54 16.54
N LEU B 328 -15.96 -2.25 15.74
CA LEU B 328 -15.65 -2.50 14.34
C LEU B 328 -16.24 -1.39 13.47
N THR B 329 -15.38 -0.68 12.75
CA THR B 329 -15.81 0.41 11.88
C THR B 329 -16.53 -0.17 10.67
N LYS B 330 -16.87 0.71 9.72
CA LYS B 330 -17.37 0.24 8.43
C LYS B 330 -16.24 -0.12 7.49
N ASP B 331 -15.01 0.32 7.78
CA ASP B 331 -13.82 -0.09 7.06
C ASP B 331 -13.24 -1.40 7.58
N ASN B 332 -13.97 -2.10 8.46
CA ASN B 332 -13.51 -3.34 9.06
C ASN B 332 -12.22 -3.13 9.86
N ARG B 333 -12.11 -1.96 10.50
CA ARG B 333 -11.00 -1.65 11.39
C ARG B 333 -11.51 -1.55 12.82
N TRP B 334 -10.59 -1.70 13.77
CA TRP B 334 -10.91 -1.64 15.18
C TRP B 334 -10.60 -0.26 15.73
N THR B 335 -11.53 0.31 16.48
CA THR B 335 -11.30 1.59 17.14
C THR B 335 -11.58 1.45 18.63
N TRP B 336 -10.67 1.94 19.45
CA TRP B 336 -10.81 1.87 20.90
C TRP B 336 -11.81 2.90 21.39
N VAL B 337 -12.63 2.50 22.36
CA VAL B 337 -13.60 3.39 22.99
C VAL B 337 -13.64 3.11 24.48
N GLN B 338 -13.77 4.17 25.27
CA GLN B 338 -14.07 4.08 26.69
C GLN B 338 -15.54 4.47 26.86
N SER B 339 -16.36 3.52 27.30
CA SER B 339 -17.80 3.65 27.24
C SER B 339 -18.42 3.51 28.62
N ASN B 340 -19.65 4.01 28.72
CA ASN B 340 -20.47 3.94 29.92
C ASN B 340 -21.91 3.78 29.47
N ALA B 341 -22.51 2.64 29.79
CA ALA B 341 -23.86 2.32 29.34
C ALA B 341 -24.84 2.52 30.50
N ARG B 342 -25.84 3.36 30.27
CA ARG B 342 -26.87 3.64 31.26
C ARG B 342 -28.21 3.09 30.79
N LEU B 343 -29.07 2.76 31.74
CA LEU B 343 -30.40 2.22 31.47
C LEU B 343 -31.42 3.32 31.69
N VAL B 344 -32.18 3.64 30.65
CA VAL B 344 -33.32 4.55 30.77
C VAL B 344 -34.57 3.73 31.06
N TYR B 345 -35.47 4.28 31.84
CA TYR B 345 -36.64 3.55 32.31
C TYR B 345 -37.93 4.17 31.77
N LYS B 346 -38.99 3.40 31.88
CA LYS B 346 -40.34 3.78 31.45
C LYS B 346 -41.32 3.04 32.32
N ASN B 347 -42.12 3.78 33.09
CA ASN B 347 -43.08 3.19 34.04
C ASN B 347 -42.37 2.22 34.98
N GLY B 348 -41.13 2.55 35.35
CA GLY B 348 -40.36 1.74 36.26
C GLY B 348 -39.71 0.52 35.66
N ARG B 349 -39.82 0.30 34.35
CA ARG B 349 -39.23 -0.86 33.70
C ARG B 349 -38.21 -0.42 32.66
N PRO B 350 -37.12 -1.16 32.49
CA PRO B 350 -36.09 -0.73 31.53
C PRO B 350 -36.64 -0.63 30.12
N ASP B 351 -36.23 0.42 29.40
CA ASP B 351 -36.72 0.70 28.06
C ASP B 351 -35.64 0.64 27.01
N TYR B 352 -34.54 1.37 27.18
CA TYR B 352 -33.44 1.35 26.22
C TYR B 352 -32.15 1.72 26.93
N ILE B 353 -31.06 1.63 26.19
CA ILE B 353 -29.71 1.90 26.69
C ILE B 353 -29.17 3.15 26.02
N ILE B 354 -28.50 3.99 26.81
CA ILE B 354 -27.79 5.16 26.31
C ILE B 354 -26.32 4.97 26.65
N ALA B 355 -25.48 4.79 25.63
CA ALA B 355 -24.05 4.56 25.82
C ALA B 355 -23.29 5.77 25.30
N THR B 356 -22.52 6.42 26.17
CA THR B 356 -21.72 7.58 25.82
C THR B 356 -20.26 7.15 25.77
N GLN B 357 -19.67 7.21 24.58
CA GLN B 357 -18.34 6.69 24.34
C GLN B 357 -17.39 7.81 23.93
N ARG B 358 -16.11 7.61 24.22
CA ARG B 358 -15.05 8.55 23.85
C ARG B 358 -13.96 7.76 23.15
N PRO B 359 -13.57 8.11 21.93
CA PRO B 359 -12.55 7.33 21.21
C PRO B 359 -11.19 7.45 21.89
N LEU B 360 -10.44 6.36 21.85
CA LEU B 360 -9.12 6.30 22.45
C LEU B 360 -8.07 6.02 21.38
N THR B 361 -6.84 6.39 21.68
CA THR B 361 -5.71 6.03 20.84
C THR B 361 -5.34 4.57 21.08
N ASP B 362 -4.57 4.01 20.14
CA ASP B 362 -4.10 2.63 20.31
C ASP B 362 -3.23 2.48 21.55
N GLU B 363 -2.48 3.53 21.89
CA GLU B 363 -1.59 3.49 23.05
C GLU B 363 -2.38 3.38 24.36
N GLU B 364 -3.33 4.29 24.55
CA GLU B 364 -4.18 4.24 25.74
C GLU B 364 -5.01 2.97 25.76
N GLY B 365 -5.46 2.50 24.60
CA GLY B 365 -6.24 1.28 24.54
C GLY B 365 -5.44 0.06 24.98
N LYS B 366 -4.22 -0.08 24.47
CA LYS B 366 -3.40 -1.22 24.88
C LYS B 366 -2.96 -1.08 26.32
N GLU B 367 -2.78 0.14 26.82
CA GLU B 367 -2.50 0.31 28.24
C GLU B 367 -3.65 -0.17 29.10
N HIS B 368 -4.88 0.19 28.72
CA HIS B 368 -6.05 -0.29 29.45
C HIS B 368 -6.16 -1.81 29.37
N LEU B 369 -5.86 -2.39 28.21
CA LEU B 369 -5.89 -3.84 28.08
C LEU B 369 -4.82 -4.50 28.95
N ARG B 370 -3.67 -3.84 29.11
CA ARG B 370 -2.64 -4.37 29.99
C ARG B 370 -3.05 -4.28 31.46
N LYS B 371 -3.79 -3.23 31.82
CA LYS B 371 -4.30 -3.06 33.18
C LYS B 371 -5.73 -3.59 33.32
N ARG B 372 -6.02 -4.74 32.73
CA ARG B 372 -7.39 -5.23 32.70
C ARG B 372 -7.83 -5.71 34.08
N THR B 373 -9.07 -5.35 34.44
CA THR B 373 -9.69 -5.79 35.69
C THR B 373 -9.69 -7.31 35.79
N LEU B 374 -10.57 -7.95 35.02
CA LEU B 374 -10.74 -9.40 35.08
C LEU B 374 -9.82 -10.09 34.07
N LYS B 375 -9.41 -11.30 34.42
CA LYS B 375 -8.72 -12.18 33.47
C LYS B 375 -9.77 -13.06 32.84
N LEU B 376 -9.96 -12.92 31.53
CA LEU B 376 -10.97 -13.64 30.78
C LEU B 376 -10.33 -14.29 29.56
N PRO B 377 -10.92 -15.36 29.04
CA PRO B 377 -10.37 -16.00 27.85
C PRO B 377 -10.36 -15.04 26.65
N PHE B 378 -9.46 -15.33 25.72
CA PHE B 378 -9.26 -14.53 24.51
C PHE B 378 -8.88 -13.09 24.83
N MET B 379 -8.36 -12.84 26.03
CA MET B 379 -8.10 -11.45 26.45
C MET B 379 -7.06 -10.79 25.56
N PHE B 380 -6.04 -11.54 25.14
CA PHE B 380 -4.95 -10.98 24.33
C PHE B 380 -5.03 -11.40 22.87
N ALA B 381 -6.20 -11.83 22.41
CA ALA B 381 -6.36 -12.24 21.02
C ALA B 381 -6.49 -11.02 20.11
N THR B 382 -5.87 -11.11 18.94
CA THR B 382 -5.95 -10.09 17.91
C THR B 382 -6.40 -10.73 16.61
N GLY B 383 -7.21 -10.00 15.84
CA GLY B 383 -7.69 -10.56 14.59
C GLY B 383 -8.55 -9.57 13.83
N GLU B 384 -9.06 -10.03 12.70
CA GLU B 384 -9.90 -9.23 11.82
C GLU B 384 -11.32 -9.79 11.83
N ALA B 385 -12.28 -8.95 11.43
CA ALA B 385 -13.68 -9.32 11.47
C ALA B 385 -14.41 -8.73 10.26
N VAL B 386 -15.64 -9.19 10.08
CA VAL B 386 -16.55 -8.69 9.06
C VAL B 386 -17.93 -8.57 9.67
N LEU B 387 -18.83 -7.91 8.95
CA LEU B 387 -20.17 -7.67 9.46
C LEU B 387 -21.15 -7.61 8.29
N TYR B 388 -22.23 -8.38 8.39
CA TYR B 388 -23.25 -8.46 7.35
C TYR B 388 -24.61 -8.10 7.95
N GLU B 389 -25.63 -8.06 7.09
CA GLU B 389 -26.98 -7.70 7.52
C GLU B 389 -27.98 -8.82 7.25
#